data_2DZB
#
_entry.id   2DZB
#
_cell.length_a   110.852
_cell.length_b   110.852
_cell.length_c   87.766
_cell.angle_alpha   90.00
_cell.angle_beta   90.00
_cell.angle_gamma   120.00
#
_symmetry.space_group_name_H-M   'P 65'
#
loop_
_entity.id
_entity.type
_entity.pdbx_description
1 polymer 'Dihydropteroate synthase'
2 non-polymer 6-HYDROXYMETHYLPTERIN-DIPHOSPHATE
3 water water
#
_entity_poly.entity_id   1
_entity_poly.type   'polypeptide(L)'
_entity_poly.pdbx_seq_one_letter_code
;MGAPPLGPTIIPPVRTLWLRDRALDLDRVRLLGVLNLTPDSFSDGGRYLDPERALERAREMVAEGADILDLGAESTRPGA
APVPVEEEKRRLLPVLEAVLSLGVPVSVDTRKPEVAEEALKLGAHLLNDVTGLRDERMVALAARHGVAAVVMHMPVPDPA
TMMAHARYRDVVAEVKAFLEAQARRALSAGVPQVVLDPGFGFGKLLEHNLALLRRLDEIVALGHPVLVGLSRKRTIGELS
GVEDPAQRVHGSVAAHLFAVMKGVRLLRVHDVRAHREALGVWEALYGGDRPSRA
;
_entity_poly.pdbx_strand_id   A,B
#
loop_
_chem_comp.id
_chem_comp.type
_chem_comp.name
_chem_comp.formula
HH2 non-polymer 6-HYDROXYMETHYLPTERIN-DIPHOSPHATE 'C7 H9 N5 O8 P2'
#
# COMPACT_ATOMS: atom_id res chain seq x y z
N VAL A 14 20.01 -13.20 -2.01
CA VAL A 14 20.81 -14.35 -1.50
C VAL A 14 19.89 -15.50 -1.07
N ARG A 15 18.80 -15.15 -0.39
CA ARG A 15 17.84 -16.13 0.09
C ARG A 15 17.05 -16.73 -1.07
N THR A 16 16.73 -18.02 -0.98
CA THR A 16 15.97 -18.69 -2.01
C THR A 16 14.93 -19.61 -1.37
N LEU A 17 13.94 -19.99 -2.17
CA LEU A 17 12.88 -20.89 -1.71
C LEU A 17 12.91 -22.13 -2.59
N TRP A 18 13.05 -23.29 -1.96
CA TRP A 18 13.09 -24.57 -2.67
C TRP A 18 11.72 -24.98 -3.16
N LEU A 19 11.60 -25.26 -4.45
CA LEU A 19 10.32 -25.66 -5.02
C LEU A 19 10.43 -26.98 -5.79
N ARG A 20 10.76 -28.03 -5.04
CA ARG A 20 10.89 -29.40 -5.54
C ARG A 20 11.96 -29.67 -6.58
N ASP A 21 11.98 -28.89 -7.65
CA ASP A 21 12.98 -29.09 -8.70
C ASP A 21 13.71 -27.82 -9.11
N ARG A 22 13.45 -26.72 -8.41
CA ARG A 22 14.14 -25.47 -8.70
C ARG A 22 14.18 -24.60 -7.45
N ALA A 23 14.97 -23.54 -7.51
CA ALA A 23 15.08 -22.61 -6.40
C ALA A 23 14.53 -21.26 -6.85
N LEU A 24 13.69 -20.65 -6.02
CA LEU A 24 13.14 -19.33 -6.34
C LEU A 24 13.84 -18.21 -5.54
N ASP A 25 14.35 -17.20 -6.28
CA ASP A 25 15.06 -16.10 -5.63
C ASP A 25 14.13 -15.26 -4.75
N LEU A 26 14.59 -15.02 -3.50
CA LEU A 26 13.85 -14.11 -2.65
C LEU A 26 14.48 -12.71 -2.62
N ASP A 27 15.24 -12.38 -3.69
CA ASP A 27 15.83 -11.04 -3.77
C ASP A 27 14.75 -9.97 -3.98
N ARG A 28 13.58 -10.47 -4.44
CA ARG A 28 12.37 -9.64 -4.48
C ARG A 28 11.20 -10.45 -3.94
N VAL A 29 10.19 -9.72 -3.47
CA VAL A 29 9.01 -10.35 -2.89
C VAL A 29 8.33 -11.26 -3.90
N ARG A 30 7.95 -12.46 -3.45
CA ARG A 30 7.28 -13.43 -4.30
C ARG A 30 5.84 -13.62 -3.84
N LEU A 31 4.95 -13.84 -4.80
CA LEU A 31 3.52 -13.99 -4.51
C LEU A 31 2.94 -15.39 -4.73
N LEU A 32 2.19 -15.85 -3.73
CA LEU A 32 1.49 -17.13 -3.84
C LEU A 32 0.05 -16.72 -4.12
N GLY A 33 -0.39 -16.91 -5.36
CA GLY A 33 -1.75 -16.56 -5.72
C GLY A 33 -2.71 -17.65 -5.28
N VAL A 34 -3.74 -17.25 -4.55
CA VAL A 34 -4.71 -18.22 -4.03
C VAL A 34 -5.77 -18.68 -5.03
N LEU A 35 -5.95 -19.99 -5.08
CA LEU A 35 -6.96 -20.59 -5.95
C LEU A 35 -7.75 -21.50 -5.00
N ASN A 36 -8.86 -20.98 -4.50
CA ASN A 36 -9.71 -21.71 -3.55
C ASN A 36 -10.76 -22.55 -4.26
N LEU A 37 -10.74 -23.86 -3.99
CA LEU A 37 -11.68 -24.80 -4.59
C LEU A 37 -12.71 -25.31 -3.59
N THR A 38 -13.21 -24.42 -2.74
CA THR A 38 -14.20 -24.79 -1.73
C THR A 38 -15.55 -24.15 -2.03
N PRO A 39 -16.65 -24.90 -1.83
CA PRO A 39 -18.00 -24.38 -2.08
C PRO A 39 -18.26 -23.03 -1.42
N ARG A 53 -12.71 -24.94 -16.57
CA ARG A 53 -11.77 -25.36 -15.55
C ARG A 53 -10.95 -24.19 -15.00
N ALA A 54 -10.58 -24.32 -13.71
CA ALA A 54 -9.84 -23.26 -13.02
C ALA A 54 -8.41 -23.12 -13.55
N LEU A 55 -8.08 -23.95 -14.54
CA LEU A 55 -6.83 -23.75 -15.24
C LEU A 55 -6.79 -22.32 -15.82
N GLU A 56 -7.99 -21.84 -16.19
CA GLU A 56 -8.08 -20.49 -16.73
C GLU A 56 -7.83 -19.43 -15.65
N ARG A 57 -8.34 -19.58 -14.44
CA ARG A 57 -8.03 -18.65 -13.36
C ARG A 57 -6.55 -18.75 -13.01
N ALA A 58 -5.98 -19.93 -13.22
CA ALA A 58 -4.57 -20.17 -12.94
C ALA A 58 -3.73 -19.47 -13.98
N ARG A 59 -4.19 -19.51 -15.23
CA ARG A 59 -3.48 -18.87 -16.33
C ARG A 59 -3.47 -17.36 -16.14
N GLU A 60 -4.57 -16.82 -15.62
CA GLU A 60 -4.68 -15.39 -15.38
C GLU A 60 -3.76 -14.94 -14.25
N MET A 61 -3.74 -15.68 -13.15
CA MET A 61 -2.89 -15.30 -12.03
C MET A 61 -1.42 -15.29 -12.43
N VAL A 62 -1.01 -16.26 -13.25
CA VAL A 62 0.38 -16.30 -13.69
C VAL A 62 0.61 -15.05 -14.52
N ALA A 63 -0.31 -14.78 -15.45
CA ALA A 63 -0.22 -13.60 -16.31
C ALA A 63 -0.14 -12.32 -15.47
N GLU A 64 -0.77 -12.34 -14.30
CA GLU A 64 -0.78 -11.19 -13.41
C GLU A 64 0.49 -11.05 -12.57
N GLY A 65 1.33 -12.08 -12.58
CA GLY A 65 2.57 -12.01 -11.83
C GLY A 65 2.75 -12.96 -10.66
N ALA A 66 1.82 -13.89 -10.48
CA ALA A 66 1.95 -14.85 -9.38
C ALA A 66 3.19 -15.70 -9.62
N ASP A 67 3.96 -15.92 -8.55
CA ASP A 67 5.18 -16.72 -8.63
C ASP A 67 4.89 -18.19 -8.34
N ILE A 68 3.93 -18.41 -7.47
CA ILE A 68 3.50 -19.75 -7.07
C ILE A 68 1.98 -19.74 -7.01
N LEU A 69 1.36 -20.86 -7.37
CA LEU A 69 -0.09 -20.96 -7.34
C LEU A 69 -0.46 -21.84 -6.13
N ASP A 70 -1.22 -21.27 -5.19
CA ASP A 70 -1.62 -21.99 -3.98
C ASP A 70 -3.05 -22.53 -4.12
N LEU A 71 -3.16 -23.86 -4.24
CA LEU A 71 -4.43 -24.53 -4.43
C LEU A 71 -4.87 -25.23 -3.16
N GLY A 72 -6.16 -25.10 -2.86
CA GLY A 72 -6.66 -25.73 -1.65
C GLY A 72 -8.15 -26.01 -1.73
N ALA A 73 -8.51 -27.26 -1.39
CA ALA A 73 -9.92 -27.59 -1.24
C ALA A 73 -10.32 -27.75 0.23
N GLU A 74 -9.38 -27.35 1.12
CA GLU A 74 -9.69 -27.38 2.56
C GLU A 74 -10.67 -26.26 2.92
N SER A 75 -11.24 -26.37 4.14
CA SER A 75 -12.10 -25.28 4.61
C SER A 75 -11.55 -24.63 5.88
N GLU A 86 -12.21 -39.62 -0.24
CA GLU A 86 -12.22 -38.24 0.20
C GLU A 86 -12.87 -37.30 -0.81
N GLU A 87 -13.56 -36.28 -0.27
CA GLU A 87 -14.12 -35.24 -1.14
C GLU A 87 -13.06 -34.20 -1.50
N GLU A 88 -12.01 -34.14 -0.66
CA GLU A 88 -10.90 -33.22 -0.94
C GLU A 88 -10.18 -33.60 -2.23
N LYS A 89 -9.91 -34.89 -2.41
CA LYS A 89 -9.23 -35.38 -3.60
C LYS A 89 -10.06 -35.04 -4.85
N ARG A 90 -11.33 -35.39 -4.80
CA ARG A 90 -12.25 -35.16 -5.91
C ARG A 90 -12.20 -33.72 -6.43
N ARG A 91 -12.13 -32.77 -5.51
CA ARG A 91 -12.09 -31.35 -5.85
C ARG A 91 -10.70 -30.85 -6.24
N LEU A 92 -9.69 -31.27 -5.47
CA LEU A 92 -8.30 -30.77 -5.67
C LEU A 92 -7.51 -31.47 -6.81
N LEU A 93 -7.22 -32.76 -6.68
CA LEU A 93 -6.42 -33.48 -7.68
C LEU A 93 -6.68 -33.21 -9.16
N PRO A 94 -7.94 -33.32 -9.60
CA PRO A 94 -8.24 -33.07 -11.02
C PRO A 94 -7.76 -31.69 -11.47
N VAL A 95 -7.98 -30.69 -10.62
CA VAL A 95 -7.59 -29.33 -10.92
C VAL A 95 -6.07 -29.22 -10.83
N LEU A 96 -5.50 -29.81 -9.78
CA LEU A 96 -4.06 -29.78 -9.56
C LEU A 96 -3.30 -30.30 -10.78
N GLU A 97 -3.81 -31.38 -11.37
CA GLU A 97 -3.17 -31.97 -12.54
C GLU A 97 -3.23 -31.02 -13.73
N ALA A 98 -4.36 -30.33 -13.88
CA ALA A 98 -4.53 -29.40 -14.99
C ALA A 98 -3.65 -28.16 -14.83
N VAL A 99 -3.61 -27.60 -13.63
CA VAL A 99 -2.81 -26.42 -13.36
C VAL A 99 -1.30 -26.67 -13.48
N LEU A 100 -0.87 -27.86 -13.09
CA LEU A 100 0.55 -28.22 -13.13
C LEU A 100 1.14 -28.15 -14.54
N SER A 101 0.29 -28.32 -15.55
CA SER A 101 0.75 -28.27 -16.93
C SER A 101 1.22 -26.88 -17.34
N LEU A 102 0.94 -25.87 -16.52
CA LEU A 102 1.36 -24.51 -16.83
C LEU A 102 2.86 -24.33 -16.61
N GLY A 103 3.48 -25.28 -15.89
CA GLY A 103 4.90 -25.21 -15.63
C GLY A 103 5.28 -24.33 -14.46
N VAL A 104 4.29 -23.71 -13.82
CA VAL A 104 4.52 -22.83 -12.68
C VAL A 104 4.47 -23.63 -11.38
N PRO A 105 5.30 -23.25 -10.39
CA PRO A 105 5.29 -23.97 -9.11
C PRO A 105 3.92 -23.95 -8.44
N VAL A 106 3.50 -25.10 -7.91
CA VAL A 106 2.22 -25.20 -7.24
C VAL A 106 2.33 -25.61 -5.77
N SER A 107 1.67 -24.85 -4.91
CA SER A 107 1.66 -25.13 -3.48
C SER A 107 0.30 -25.74 -3.18
N VAL A 108 0.26 -26.78 -2.36
CA VAL A 108 -1.02 -27.40 -2.02
C VAL A 108 -1.37 -27.14 -0.57
N ASP A 109 -2.50 -26.47 -0.37
CA ASP A 109 -2.97 -26.12 0.96
C ASP A 109 -3.86 -27.25 1.47
N THR A 110 -3.28 -28.14 2.26
CA THR A 110 -4.03 -29.27 2.81
C THR A 110 -3.40 -29.76 4.11
N ARG A 111 -4.24 -30.27 5.01
CA ARG A 111 -3.75 -30.77 6.29
C ARG A 111 -3.84 -32.30 6.38
N LYS A 112 -4.52 -32.91 5.41
CA LYS A 112 -4.67 -34.37 5.38
C LYS A 112 -3.57 -35.03 4.55
N PRO A 113 -2.79 -35.93 5.18
CA PRO A 113 -1.69 -36.65 4.52
C PRO A 113 -2.11 -37.42 3.27
N GLU A 114 -3.30 -38.01 3.29
CA GLU A 114 -3.78 -38.77 2.15
C GLU A 114 -3.88 -37.85 0.94
N VAL A 115 -4.17 -36.58 1.19
CA VAL A 115 -4.28 -35.60 0.12
C VAL A 115 -2.89 -35.19 -0.32
N ALA A 116 -2.06 -34.79 0.65
CA ALA A 116 -0.70 -34.37 0.36
C ALA A 116 0.00 -35.41 -0.50
N GLU A 117 -0.09 -36.68 -0.09
CA GLU A 117 0.51 -37.79 -0.80
C GLU A 117 0.17 -37.75 -2.28
N GLU A 118 -1.11 -37.72 -2.58
CA GLU A 118 -1.58 -37.69 -3.96
C GLU A 118 -1.25 -36.38 -4.66
N ALA A 119 -1.19 -35.29 -3.90
CA ALA A 119 -0.87 -33.99 -4.48
C ALA A 119 0.58 -33.99 -4.96
N LEU A 120 1.47 -34.50 -4.11
CA LEU A 120 2.89 -34.55 -4.47
C LEU A 120 3.12 -35.57 -5.58
N LYS A 121 2.40 -36.68 -5.53
CA LYS A 121 2.53 -37.71 -6.55
C LYS A 121 2.34 -37.12 -7.94
N LEU A 122 1.39 -36.19 -8.06
CA LEU A 122 1.11 -35.56 -9.33
C LEU A 122 2.15 -34.51 -9.68
N GLY A 123 2.85 -33.99 -8.68
CA GLY A 123 3.88 -32.99 -8.96
C GLY A 123 3.90 -31.70 -8.16
N ALA A 124 3.10 -31.61 -7.10
CA ALA A 124 3.06 -30.40 -6.28
C ALA A 124 4.47 -30.00 -5.84
N HIS A 125 4.74 -28.69 -5.82
CA HIS A 125 6.07 -28.19 -5.47
C HIS A 125 6.23 -27.68 -4.04
N LEU A 126 5.13 -27.47 -3.34
CA LEU A 126 5.20 -26.94 -1.98
C LEU A 126 4.02 -27.44 -1.15
N LEU A 127 4.30 -27.77 0.11
CA LEU A 127 3.25 -28.24 1.02
C LEU A 127 2.89 -27.14 2.01
N ASN A 128 1.64 -26.70 1.98
CA ASN A 128 1.19 -25.65 2.89
C ASN A 128 0.28 -26.28 3.93
N ASP A 129 0.82 -26.49 5.14
CA ASP A 129 0.09 -27.12 6.23
C ASP A 129 -0.34 -26.13 7.32
N VAL A 130 -1.62 -25.78 7.34
CA VAL A 130 -2.13 -24.85 8.34
C VAL A 130 -1.98 -25.40 9.76
N THR A 131 -1.92 -26.72 9.91
CA THR A 131 -1.78 -27.30 11.24
C THR A 131 -0.32 -27.37 11.71
N GLY A 132 0.56 -26.71 10.96
CA GLY A 132 1.96 -26.64 11.32
C GLY A 132 2.80 -27.90 11.41
N LEU A 133 2.54 -28.88 10.54
CA LEU A 133 3.28 -30.14 10.54
C LEU A 133 3.27 -30.81 11.91
N ARG A 134 2.09 -30.81 12.54
CA ARG A 134 1.96 -31.53 13.80
C ARG A 134 1.95 -33.04 13.54
N ASP A 135 1.42 -33.39 12.35
CA ASP A 135 1.30 -34.79 11.95
C ASP A 135 2.60 -35.31 11.32
N GLU A 136 3.18 -36.32 11.96
CA GLU A 136 4.41 -36.94 11.47
C GLU A 136 4.25 -37.42 10.03
N ARG A 137 3.06 -37.89 9.69
CA ARG A 137 2.78 -38.36 8.34
C ARG A 137 3.04 -37.25 7.33
N MET A 138 2.79 -36.01 7.73
CA MET A 138 3.00 -34.86 6.87
C MET A 138 4.50 -34.59 6.74
N VAL A 139 5.20 -34.66 7.85
CA VAL A 139 6.65 -34.43 7.84
C VAL A 139 7.32 -35.46 6.94
N ALA A 140 6.89 -36.72 7.06
CA ALA A 140 7.45 -37.81 6.27
C ALA A 140 7.27 -37.60 4.77
N LEU A 141 6.05 -37.25 4.36
CA LEU A 141 5.78 -37.04 2.94
C LEU A 141 6.67 -35.95 2.35
N ALA A 142 6.85 -34.87 3.11
CA ALA A 142 7.68 -33.75 2.66
C ALA A 142 9.12 -34.19 2.39
N ALA A 143 9.73 -34.81 3.40
CA ALA A 143 11.11 -35.29 3.28
C ALA A 143 11.25 -36.34 2.19
N ARG A 144 10.25 -37.20 2.06
CA ARG A 144 10.28 -38.26 1.08
C ARG A 144 10.24 -37.71 -0.35
N HIS A 145 9.30 -36.80 -0.59
CA HIS A 145 9.15 -36.19 -1.92
C HIS A 145 10.12 -35.03 -2.14
N GLY A 146 10.94 -34.75 -1.14
CA GLY A 146 11.90 -33.66 -1.25
C GLY A 146 11.26 -32.33 -1.57
N VAL A 147 10.21 -31.99 -0.81
CA VAL A 147 9.50 -30.72 -1.00
C VAL A 147 9.48 -29.92 0.29
N ALA A 148 9.68 -28.61 0.18
CA ALA A 148 9.67 -27.74 1.35
C ALA A 148 8.26 -27.66 1.89
N ALA A 149 8.13 -27.25 3.14
CA ALA A 149 6.81 -27.15 3.73
C ALA A 149 6.63 -25.86 4.51
N VAL A 150 5.40 -25.35 4.50
CA VAL A 150 5.09 -24.15 5.24
C VAL A 150 4.55 -24.57 6.61
N VAL A 151 5.19 -24.08 7.66
CA VAL A 151 4.74 -24.37 9.01
C VAL A 151 3.96 -23.12 9.46
N MET A 152 2.64 -23.21 9.50
CA MET A 152 1.82 -22.07 9.92
C MET A 152 1.39 -22.30 11.36
N HIS A 153 1.14 -21.21 12.09
CA HIS A 153 0.71 -21.32 13.48
C HIS A 153 -0.79 -21.21 13.70
N MET A 154 -1.27 -22.11 14.55
CA MET A 154 -2.66 -22.20 15.01
C MET A 154 -2.46 -22.62 16.47
N PRO A 155 -3.17 -22.00 17.41
CA PRO A 155 -3.00 -22.39 18.82
C PRO A 155 -3.29 -23.88 19.01
N VAL A 156 -4.31 -24.36 18.30
CA VAL A 156 -4.69 -25.77 18.34
C VAL A 156 -5.01 -26.14 16.89
N PRO A 157 -4.73 -27.39 16.49
CA PRO A 157 -4.98 -27.84 15.12
C PRO A 157 -6.45 -27.96 14.74
N ASP A 158 -7.34 -27.74 15.70
CA ASP A 158 -8.78 -27.84 15.44
C ASP A 158 -9.37 -26.48 15.10
N PRO A 159 -9.73 -26.26 13.82
CA PRO A 159 -10.31 -25.00 13.35
C PRO A 159 -11.55 -24.58 14.15
N ALA A 160 -12.36 -25.57 14.53
CA ALA A 160 -13.59 -25.32 15.26
C ALA A 160 -13.40 -24.81 16.68
N THR A 161 -12.23 -25.06 17.27
CA THR A 161 -12.00 -24.61 18.64
C THR A 161 -10.85 -23.62 18.81
N MET A 162 -10.18 -23.25 17.72
CA MET A 162 -9.03 -22.33 17.84
C MET A 162 -9.31 -20.98 18.53
N MET A 163 -10.52 -20.41 18.26
CA MET A 163 -10.82 -19.10 18.85
C MET A 163 -11.00 -19.19 20.37
N ALA A 164 -11.33 -20.41 20.85
CA ALA A 164 -11.40 -20.61 22.29
C ALA A 164 -10.00 -20.72 22.90
N HIS A 165 -8.97 -20.77 22.02
CA HIS A 165 -7.59 -20.86 22.48
C HIS A 165 -6.76 -19.62 22.14
N ALA A 166 -7.40 -18.43 22.12
CA ALA A 166 -6.64 -17.22 21.87
C ALA A 166 -6.44 -16.46 23.17
N ARG A 167 -5.60 -17.03 24.04
CA ARG A 167 -5.36 -16.45 25.37
C ARG A 167 -3.88 -16.44 25.76
N TYR A 168 -3.02 -16.24 24.77
CA TYR A 168 -1.57 -16.23 24.96
C TYR A 168 -1.12 -15.22 26.05
N ARG A 169 -0.17 -15.66 26.89
CA ARG A 169 0.42 -14.72 27.84
C ARG A 169 1.33 -13.73 27.10
N ASP A 170 2.03 -14.29 26.10
CA ASP A 170 2.86 -13.50 25.18
C ASP A 170 2.77 -14.14 23.80
N VAL A 171 1.84 -13.65 22.98
CA VAL A 171 1.62 -14.22 21.66
C VAL A 171 2.85 -14.29 20.76
N VAL A 172 3.64 -13.22 20.70
CA VAL A 172 4.82 -13.23 19.84
C VAL A 172 5.83 -14.28 20.32
N ALA A 173 6.08 -14.33 21.62
CA ALA A 173 7.02 -15.29 22.17
C ALA A 173 6.54 -16.72 21.92
N GLU A 174 5.26 -16.98 22.18
CA GLU A 174 4.70 -18.31 22.00
C GLU A 174 4.63 -18.77 20.55
N VAL A 175 4.29 -17.88 19.64
CA VAL A 175 4.24 -18.25 18.23
C VAL A 175 5.65 -18.58 17.74
N LYS A 176 6.62 -17.75 18.11
CA LYS A 176 8.01 -17.97 17.73
C LYS A 176 8.50 -19.32 18.25
N ALA A 177 8.15 -19.64 19.49
CA ALA A 177 8.56 -20.91 20.09
C ALA A 177 7.95 -22.09 19.36
N PHE A 178 6.68 -21.98 18.97
CA PHE A 178 6.03 -23.06 18.25
C PHE A 178 6.66 -23.23 16.86
N LEU A 179 6.80 -22.12 16.14
CA LEU A 179 7.37 -22.14 14.80
C LEU A 179 8.78 -22.75 14.80
N GLU A 180 9.63 -22.26 15.69
CA GLU A 180 10.99 -22.76 15.78
C GLU A 180 11.06 -24.24 16.14
N ALA A 181 10.10 -24.70 16.94
CA ALA A 181 10.06 -26.11 17.35
C ALA A 181 9.63 -27.01 16.21
N GLN A 182 8.58 -26.61 15.49
CA GLN A 182 8.11 -27.40 14.37
C GLN A 182 9.19 -27.44 13.29
N ALA A 183 9.89 -26.32 13.13
CA ALA A 183 10.94 -26.19 12.13
C ALA A 183 12.09 -27.17 12.39
N ARG A 184 12.71 -27.07 13.57
CA ARG A 184 13.83 -27.95 13.92
C ARG A 184 13.44 -29.42 13.74
N ARG A 185 12.24 -29.76 14.18
CA ARG A 185 11.73 -31.11 14.06
C ARG A 185 11.64 -31.54 12.60
N ALA A 186 11.00 -30.71 11.79
CA ALA A 186 10.83 -31.01 10.37
C ALA A 186 12.18 -31.14 9.66
N LEU A 187 13.09 -30.21 9.94
CA LEU A 187 14.41 -30.23 9.31
C LEU A 187 15.24 -31.45 9.65
N SER A 188 15.13 -31.93 10.89
CA SER A 188 15.88 -33.11 11.32
C SER A 188 15.33 -34.38 10.71
N ALA A 189 14.05 -34.35 10.35
CA ALA A 189 13.40 -35.51 9.77
C ALA A 189 13.59 -35.61 8.25
N GLY A 190 14.37 -34.70 7.68
CA GLY A 190 14.61 -34.74 6.25
C GLY A 190 13.91 -33.71 5.39
N VAL A 191 13.11 -32.83 5.99
CA VAL A 191 12.43 -31.81 5.21
C VAL A 191 13.47 -30.83 4.67
N PRO A 192 13.58 -30.71 3.34
CA PRO A 192 14.52 -29.83 2.65
C PRO A 192 14.62 -28.42 3.23
N GLN A 193 13.47 -27.78 3.40
CA GLN A 193 13.41 -26.43 3.91
C GLN A 193 12.02 -26.16 4.47
N VAL A 194 11.93 -25.20 5.40
CA VAL A 194 10.64 -24.86 5.99
C VAL A 194 10.40 -23.36 5.93
N VAL A 195 9.16 -22.98 5.61
CA VAL A 195 8.78 -21.58 5.55
C VAL A 195 7.91 -21.34 6.78
N LEU A 196 8.15 -20.26 7.51
CA LEU A 196 7.37 -19.96 8.71
C LEU A 196 6.26 -18.95 8.41
N ASP A 197 5.08 -19.19 9.00
CA ASP A 197 3.93 -18.31 8.81
C ASP A 197 3.22 -18.21 10.17
N PRO A 198 3.13 -17.00 10.75
CA PRO A 198 2.47 -16.79 12.04
C PRO A 198 0.97 -17.10 12.04
N GLY A 199 0.41 -17.35 10.86
CA GLY A 199 -1.00 -17.67 10.74
C GLY A 199 -1.96 -16.58 11.18
N PHE A 200 -1.96 -15.44 10.49
CA PHE A 200 -2.87 -14.37 10.88
C PHE A 200 -4.33 -14.80 10.76
N GLY A 201 -5.13 -14.46 11.76
CA GLY A 201 -6.54 -14.82 11.72
C GLY A 201 -6.88 -16.24 12.16
N PHE A 202 -5.89 -16.96 12.69
CA PHE A 202 -6.10 -18.31 13.17
C PHE A 202 -5.91 -18.35 14.70
N GLY A 203 -7.02 -18.41 15.42
CA GLY A 203 -6.97 -18.44 16.88
C GLY A 203 -6.29 -17.22 17.45
N LYS A 204 -6.61 -16.06 16.88
CA LYS A 204 -5.98 -14.82 17.32
C LYS A 204 -6.96 -13.66 17.35
N LEU A 205 -6.92 -12.92 18.45
CA LEU A 205 -7.76 -11.74 18.61
C LEU A 205 -7.05 -10.64 17.84
N LEU A 206 -7.76 -9.54 17.56
CA LEU A 206 -7.13 -8.42 16.86
C LEU A 206 -5.84 -8.04 17.58
N GLU A 207 -5.92 -7.93 18.91
CA GLU A 207 -4.77 -7.57 19.69
C GLU A 207 -3.55 -8.45 19.39
N HIS A 208 -3.80 -9.74 19.16
CA HIS A 208 -2.74 -10.70 18.86
C HIS A 208 -2.20 -10.51 17.44
N ASN A 209 -3.11 -10.37 16.48
CA ASN A 209 -2.71 -10.16 15.08
C ASN A 209 -1.86 -8.90 14.96
N LEU A 210 -2.25 -7.85 15.68
CA LEU A 210 -1.51 -6.59 15.67
C LEU A 210 -0.11 -6.76 16.25
N ALA A 211 -0.01 -7.39 17.41
CA ALA A 211 1.29 -7.60 18.04
C ALA A 211 2.24 -8.36 17.11
N LEU A 212 1.74 -9.40 16.46
CA LEU A 212 2.55 -10.20 15.53
C LEU A 212 2.99 -9.39 14.31
N LEU A 213 2.09 -8.56 13.80
CA LEU A 213 2.39 -7.72 12.64
C LEU A 213 3.49 -6.73 12.96
N ARG A 214 3.32 -6.02 14.07
CA ARG A 214 4.28 -5.01 14.52
C ARG A 214 5.66 -5.57 14.89
N ARG A 215 5.72 -6.86 15.22
CA ARG A 215 6.99 -7.46 15.59
C ARG A 215 7.35 -8.60 14.66
N LEU A 216 6.84 -8.51 13.43
CA LEU A 216 7.07 -9.54 12.43
C LEU A 216 8.57 -9.72 12.18
N ASP A 217 9.33 -8.66 12.37
CA ASP A 217 10.78 -8.75 12.16
C ASP A 217 11.40 -9.82 13.05
N GLU A 218 10.80 -10.05 14.22
CA GLU A 218 11.31 -11.06 15.15
C GLU A 218 11.10 -12.47 14.62
N ILE A 219 10.11 -12.66 13.77
CA ILE A 219 9.85 -13.98 13.21
C ILE A 219 10.83 -14.20 12.05
N VAL A 220 11.09 -13.13 11.28
CA VAL A 220 12.01 -13.22 10.16
C VAL A 220 13.40 -13.52 10.70
N ALA A 221 13.69 -13.01 11.90
CA ALA A 221 14.99 -13.20 12.54
C ALA A 221 15.29 -14.66 12.86
N LEU A 222 14.29 -15.53 12.78
CA LEU A 222 14.51 -16.94 13.06
C LEU A 222 15.31 -17.63 11.94
N GLY A 223 15.59 -16.88 10.89
CA GLY A 223 16.40 -17.40 9.80
C GLY A 223 15.73 -18.15 8.66
N HIS A 224 14.42 -18.37 8.74
CA HIS A 224 13.72 -19.08 7.67
C HIS A 224 12.91 -18.11 6.85
N PRO A 225 12.60 -18.48 5.59
CA PRO A 225 11.81 -17.56 4.78
C PRO A 225 10.46 -17.46 5.49
N VAL A 226 9.90 -16.26 5.54
CA VAL A 226 8.61 -16.05 6.21
C VAL A 226 7.53 -15.74 5.18
N LEU A 227 6.35 -16.31 5.40
CA LEU A 227 5.19 -16.12 4.55
C LEU A 227 4.05 -15.58 5.40
N VAL A 228 3.33 -14.59 4.89
CA VAL A 228 2.17 -14.08 5.64
C VAL A 228 1.00 -14.01 4.68
N GLY A 229 -0.20 -13.99 5.23
CA GLY A 229 -1.38 -13.91 4.40
C GLY A 229 -2.44 -13.12 5.13
N LEU A 230 -2.60 -11.85 4.74
CA LEU A 230 -3.60 -11.00 5.38
C LEU A 230 -4.75 -10.68 4.44
N SER A 231 -4.62 -11.08 3.17
CA SER A 231 -5.66 -10.85 2.17
C SER A 231 -7.04 -11.29 2.66
N ARG A 232 -7.98 -10.33 2.64
CA ARG A 232 -9.36 -10.67 2.94
C ARG A 232 -9.61 -10.92 4.43
N LYS A 233 -8.55 -10.83 5.27
CA LYS A 233 -8.67 -11.23 6.68
C LYS A 233 -9.45 -10.23 7.54
N ARG A 234 -10.02 -10.75 8.66
CA ARG A 234 -10.79 -9.88 9.55
C ARG A 234 -9.96 -8.69 10.07
N THR A 235 -8.70 -8.95 10.38
CA THR A 235 -7.80 -7.89 10.85
C THR A 235 -7.83 -6.69 9.90
N ILE A 236 -7.79 -6.96 8.60
CA ILE A 236 -7.82 -5.89 7.62
C ILE A 236 -9.16 -5.15 7.65
N GLY A 237 -10.25 -5.89 7.68
CA GLY A 237 -11.56 -5.28 7.74
C GLY A 237 -11.70 -4.39 8.96
N GLU A 238 -11.18 -4.86 10.08
CA GLU A 238 -11.24 -4.11 11.33
C GLU A 238 -10.43 -2.80 11.27
N LEU A 239 -9.21 -2.87 10.76
CA LEU A 239 -8.36 -1.68 10.69
C LEU A 239 -8.71 -0.72 9.55
N SER A 240 -9.28 -1.24 8.47
CA SER A 240 -9.61 -0.39 7.32
C SER A 240 -11.09 -0.01 7.26
N GLY A 241 -11.88 -0.54 8.19
CA GLY A 241 -13.30 -0.25 8.21
C GLY A 241 -14.07 -0.82 7.03
N VAL A 242 -13.67 -1.99 6.54
CA VAL A 242 -14.36 -2.60 5.41
C VAL A 242 -14.97 -3.93 5.81
N GLU A 243 -16.30 -3.97 5.84
CA GLU A 243 -17.01 -5.18 6.24
C GLU A 243 -16.98 -6.28 5.20
N ASP A 244 -17.09 -5.93 3.91
CA ASP A 244 -17.08 -6.92 2.84
C ASP A 244 -15.68 -7.46 2.60
N PRO A 245 -15.47 -8.76 2.85
CA PRO A 245 -14.17 -9.42 2.68
C PRO A 245 -13.57 -9.31 1.27
N ALA A 246 -14.42 -9.20 0.26
CA ALA A 246 -13.94 -9.10 -1.12
C ALA A 246 -13.56 -7.67 -1.52
N GLN A 247 -13.74 -6.73 -0.60
CA GLN A 247 -13.41 -5.33 -0.87
C GLN A 247 -12.27 -4.83 0.00
N ARG A 248 -11.44 -5.75 0.49
CA ARG A 248 -10.33 -5.37 1.38
C ARG A 248 -8.95 -5.27 0.74
N VAL A 249 -8.87 -5.17 -0.58
CA VAL A 249 -7.57 -5.12 -1.22
C VAL A 249 -6.63 -3.98 -0.80
N HIS A 250 -7.14 -2.77 -0.65
CA HIS A 250 -6.26 -1.65 -0.27
C HIS A 250 -5.66 -1.84 1.13
N GLY A 251 -6.47 -2.32 2.07
CA GLY A 251 -5.94 -2.54 3.40
C GLY A 251 -4.97 -3.71 3.40
N SER A 252 -5.26 -4.75 2.62
CA SER A 252 -4.38 -5.91 2.54
C SER A 252 -3.03 -5.54 1.93
N VAL A 253 -3.04 -4.75 0.86
CA VAL A 253 -1.79 -4.32 0.25
C VAL A 253 -0.98 -3.53 1.28
N ALA A 254 -1.66 -2.66 2.03
CA ALA A 254 -0.98 -1.86 3.04
C ALA A 254 -0.33 -2.74 4.11
N ALA A 255 -1.05 -3.73 4.59
CA ALA A 255 -0.52 -4.64 5.61
C ALA A 255 0.65 -5.44 5.05
N HIS A 256 0.51 -5.88 3.81
CA HIS A 256 1.55 -6.66 3.16
C HIS A 256 2.83 -5.85 2.91
N LEU A 257 2.68 -4.57 2.56
CA LEU A 257 3.86 -3.75 2.32
C LEU A 257 4.58 -3.56 3.66
N PHE A 258 3.80 -3.42 4.72
CA PHE A 258 4.38 -3.27 6.05
C PHE A 258 5.18 -4.54 6.35
N ALA A 259 4.59 -5.70 6.06
CA ALA A 259 5.28 -6.97 6.31
C ALA A 259 6.57 -7.04 5.46
N VAL A 260 6.50 -6.57 4.23
CA VAL A 260 7.68 -6.58 3.37
C VAL A 260 8.77 -5.69 3.98
N MET A 261 8.34 -4.57 4.57
CA MET A 261 9.28 -3.64 5.20
C MET A 261 9.91 -4.32 6.40
N LYS A 262 9.22 -5.30 6.98
CA LYS A 262 9.72 -6.04 8.14
C LYS A 262 10.60 -7.23 7.77
N GLY A 263 10.77 -7.46 6.47
CA GLY A 263 11.62 -8.57 6.02
C GLY A 263 10.93 -9.77 5.38
N VAL A 264 9.61 -9.74 5.29
CA VAL A 264 8.88 -10.85 4.68
C VAL A 264 9.08 -10.81 3.17
N ARG A 265 9.30 -11.97 2.57
CA ARG A 265 9.52 -12.03 1.13
C ARG A 265 8.54 -12.93 0.39
N LEU A 266 7.56 -13.47 1.12
CA LEU A 266 6.53 -14.33 0.53
C LEU A 266 5.17 -13.85 1.02
N LEU A 267 4.24 -13.64 0.09
CA LEU A 267 2.90 -13.18 0.45
C LEU A 267 1.83 -14.06 -0.16
N ARG A 268 0.86 -14.47 0.65
CA ARG A 268 -0.25 -15.29 0.17
C ARG A 268 -1.34 -14.27 -0.12
N VAL A 269 -1.66 -14.08 -1.41
CA VAL A 269 -2.64 -13.07 -1.79
C VAL A 269 -3.75 -13.53 -2.72
N HIS A 270 -4.83 -12.76 -2.76
CA HIS A 270 -5.95 -13.05 -3.65
C HIS A 270 -5.88 -12.17 -4.90
N ASP A 271 -5.65 -10.87 -4.72
CA ASP A 271 -5.55 -9.97 -5.87
C ASP A 271 -4.07 -9.88 -6.25
N VAL A 272 -3.64 -10.77 -7.14
CA VAL A 272 -2.25 -10.79 -7.57
C VAL A 272 -1.81 -9.49 -8.24
N ARG A 273 -2.59 -9.01 -9.19
CA ARG A 273 -2.24 -7.78 -9.90
C ARG A 273 -2.04 -6.58 -8.98
N ALA A 274 -2.94 -6.38 -8.03
CA ALA A 274 -2.82 -5.26 -7.11
C ALA A 274 -1.46 -5.27 -6.39
N HIS A 275 -1.01 -6.44 -5.95
CA HIS A 275 0.27 -6.52 -5.26
C HIS A 275 1.47 -6.36 -6.19
N ARG A 276 1.38 -6.88 -7.41
CA ARG A 276 2.49 -6.73 -8.36
C ARG A 276 2.69 -5.24 -8.65
N GLU A 277 1.58 -4.53 -8.84
CA GLU A 277 1.62 -3.09 -9.10
C GLU A 277 2.23 -2.35 -7.92
N ALA A 278 1.71 -2.62 -6.71
CA ALA A 278 2.20 -1.97 -5.50
C ALA A 278 3.68 -2.25 -5.27
N LEU A 279 4.08 -3.51 -5.45
CA LEU A 279 5.48 -3.88 -5.24
C LEU A 279 6.40 -3.26 -6.29
N GLY A 280 5.88 -3.06 -7.50
CA GLY A 280 6.68 -2.47 -8.55
C GLY A 280 7.19 -1.13 -8.08
N VAL A 281 6.33 -0.42 -7.36
CA VAL A 281 6.67 0.88 -6.82
C VAL A 281 7.50 0.74 -5.53
N TRP A 282 6.96 -0.01 -4.58
CA TRP A 282 7.62 -0.18 -3.28
C TRP A 282 9.08 -0.66 -3.35
N GLU A 283 9.32 -1.72 -4.12
CA GLU A 283 10.66 -2.28 -4.23
C GLU A 283 11.65 -1.36 -4.97
N ALA A 284 11.11 -0.47 -5.85
CA ALA A 284 12.01 0.45 -6.51
C ALA A 284 12.45 1.56 -5.55
N LEU A 285 11.51 1.87 -4.62
CA LEU A 285 11.73 2.94 -3.64
C LEU A 285 12.53 2.46 -2.43
N TYR A 286 12.04 1.41 -1.78
CA TYR A 286 12.69 0.87 -0.59
C TYR A 286 13.81 -0.01 -1.08
N GLY A 287 14.83 0.62 -1.64
CA GLY A 287 15.97 -0.11 -2.18
C GLY A 287 16.42 0.52 -3.48
N ARG B 15 2.54 18.95 15.49
CA ARG B 15 2.38 20.01 14.46
C ARG B 15 0.97 20.08 13.88
N THR B 16 0.64 21.22 13.30
CA THR B 16 -0.68 21.41 12.72
C THR B 16 -0.59 22.24 11.45
N LEU B 17 -1.67 22.23 10.68
CA LEU B 17 -1.74 22.99 9.43
C LEU B 17 -2.81 24.06 9.55
N TRP B 18 -2.41 25.31 9.41
CA TRP B 18 -3.36 26.43 9.49
C TRP B 18 -4.25 26.47 8.26
N LEU B 19 -5.56 26.51 8.48
CA LEU B 19 -6.52 26.56 7.39
C LEU B 19 -7.45 27.77 7.50
N ARG B 20 -6.84 28.96 7.46
CA ARG B 20 -7.52 30.25 7.53
C ARG B 20 -8.18 30.62 8.86
N ASP B 21 -9.11 29.79 9.33
CA ASP B 21 -9.78 30.08 10.59
C ASP B 21 -9.84 28.86 11.50
N ARG B 22 -9.03 27.86 11.19
CA ARG B 22 -9.00 26.64 11.97
C ARG B 22 -7.65 25.96 11.74
N ALA B 23 -7.28 25.05 12.65
CA ALA B 23 -6.03 24.33 12.51
C ALA B 23 -6.30 22.83 12.38
N LEU B 24 -5.49 22.16 11.58
CA LEU B 24 -5.63 20.74 11.36
C LEU B 24 -4.38 20.03 11.89
N ASP B 25 -4.58 19.14 12.85
CA ASP B 25 -3.46 18.43 13.46
C ASP B 25 -2.88 17.41 12.48
N LEU B 26 -1.53 17.39 12.42
CA LEU B 26 -0.85 16.48 11.52
C LEU B 26 -0.32 15.24 12.25
N ASP B 27 -0.96 14.94 13.40
CA ASP B 27 -0.62 13.72 14.12
C ASP B 27 -1.05 12.47 13.36
N ARG B 28 -1.91 12.69 12.36
CA ARG B 28 -2.25 11.63 11.42
C ARG B 28 -2.23 12.17 9.99
N VAL B 29 -2.07 11.27 9.01
CA VAL B 29 -2.01 11.75 7.62
C VAL B 29 -3.32 12.38 7.17
N ARG B 30 -3.22 13.53 6.51
CA ARG B 30 -4.40 14.24 6.02
C ARG B 30 -4.48 14.13 4.49
N LEU B 31 -5.69 13.98 3.99
CA LEU B 31 -5.88 13.84 2.54
C LEU B 31 -6.51 15.05 1.85
N LEU B 32 -5.88 15.48 0.76
CA LEU B 32 -6.39 16.58 -0.05
C LEU B 32 -7.01 15.88 -1.25
N GLY B 33 -8.34 15.87 -1.32
CA GLY B 33 -9.04 15.23 -2.42
C GLY B 33 -9.08 16.14 -3.64
N VAL B 34 -8.63 15.62 -4.77
CA VAL B 34 -8.59 16.39 -6.01
C VAL B 34 -9.90 16.48 -6.79
N LEU B 35 -10.28 17.69 -7.15
CA LEU B 35 -11.47 17.92 -7.95
C LEU B 35 -10.99 18.74 -9.15
N ASN B 36 -10.80 18.08 -10.27
CA ASN B 36 -10.33 18.73 -11.49
C ASN B 36 -11.49 19.35 -12.26
N LEU B 37 -11.47 20.66 -12.45
CA LEU B 37 -12.54 21.36 -13.15
C LEU B 37 -12.17 21.74 -14.58
N THR B 38 -11.46 20.85 -15.27
CA THR B 38 -11.04 21.09 -16.65
C THR B 38 -11.55 19.97 -17.56
N PRO B 39 -11.62 20.23 -18.87
CA PRO B 39 -12.07 19.22 -19.83
C PRO B 39 -10.94 18.28 -20.24
N ASP B 40 -9.71 18.79 -20.20
CA ASP B 40 -8.54 17.99 -20.56
C ASP B 40 -7.95 17.33 -19.32
N PRO B 51 -19.25 21.38 -13.58
CA PRO B 51 -20.61 21.89 -13.69
C PRO B 51 -21.36 21.78 -12.36
N GLU B 52 -22.21 20.74 -12.25
CA GLU B 52 -22.93 20.53 -11.00
C GLU B 52 -22.57 19.18 -10.39
N ARG B 53 -22.27 18.23 -11.30
CA ARG B 53 -21.80 16.92 -10.84
C ARG B 53 -20.54 17.07 -9.98
N ALA B 54 -19.94 18.27 -10.04
CA ALA B 54 -18.71 18.49 -9.28
C ALA B 54 -18.97 18.55 -7.78
N LEU B 55 -20.05 19.26 -7.40
CA LEU B 55 -20.43 19.33 -5.99
C LEU B 55 -20.72 17.94 -5.44
N GLU B 56 -21.35 17.10 -6.27
CA GLU B 56 -21.69 15.74 -5.87
C GLU B 56 -20.40 14.95 -5.68
N ARG B 57 -19.39 15.27 -6.48
CA ARG B 57 -18.11 14.59 -6.37
C ARG B 57 -17.39 15.04 -5.10
N ALA B 58 -17.53 16.32 -4.77
CA ALA B 58 -16.92 16.86 -3.57
C ALA B 58 -17.54 16.21 -2.34
N ARG B 59 -18.86 16.14 -2.32
CA ARG B 59 -19.57 15.54 -1.19
C ARG B 59 -19.16 14.09 -1.01
N GLU B 60 -18.89 13.42 -2.12
CA GLU B 60 -18.49 12.02 -2.10
C GLU B 60 -17.10 11.90 -1.45
N MET B 61 -16.18 12.75 -1.88
CA MET B 61 -14.82 12.73 -1.34
C MET B 61 -14.81 13.08 0.15
N VAL B 62 -15.73 13.95 0.56
CA VAL B 62 -15.83 14.32 1.97
C VAL B 62 -16.33 13.10 2.72
N ALA B 63 -17.28 12.39 2.13
CA ALA B 63 -17.85 11.19 2.72
C ALA B 63 -16.79 10.10 2.84
N GLU B 64 -15.87 10.06 1.89
CA GLU B 64 -14.81 9.06 1.89
C GLU B 64 -13.63 9.35 2.81
N GLY B 65 -13.66 10.49 3.48
CA GLY B 65 -12.58 10.81 4.41
C GLY B 65 -11.60 11.90 4.01
N ALA B 66 -11.92 12.67 2.97
CA ALA B 66 -11.02 13.73 2.55
C ALA B 66 -11.04 14.84 3.59
N ASP B 67 -9.87 15.30 4.00
CA ASP B 67 -9.77 16.36 5.00
C ASP B 67 -9.83 17.74 4.36
N ILE B 68 -9.35 17.83 3.12
CA ILE B 68 -9.33 19.08 2.37
C ILE B 68 -9.69 18.77 0.91
N LEU B 69 -10.33 19.72 0.24
CA LEU B 69 -10.70 19.54 -1.15
C LEU B 69 -9.85 20.49 -1.98
N ASP B 70 -9.13 19.95 -2.95
CA ASP B 70 -8.26 20.76 -3.81
C ASP B 70 -8.91 20.94 -5.18
N LEU B 71 -9.44 22.13 -5.42
CA LEU B 71 -10.11 22.45 -6.69
C LEU B 71 -9.19 23.20 -7.63
N GLY B 72 -9.10 22.71 -8.86
CA GLY B 72 -8.25 23.34 -9.86
C GLY B 72 -8.99 23.46 -11.18
N ALA B 73 -8.78 24.56 -11.89
CA ALA B 73 -9.46 24.79 -13.16
C ALA B 73 -8.49 24.98 -14.33
N GLU B 74 -7.18 24.89 -14.06
CA GLU B 74 -6.21 25.04 -15.12
C GLU B 74 -5.22 23.89 -15.12
N SER B 75 -5.18 23.16 -16.24
CA SER B 75 -4.27 22.03 -16.38
C SER B 75 -2.84 22.51 -16.13
N THR B 76 -2.06 21.66 -15.47
CA THR B 76 -0.68 21.98 -15.15
C THR B 76 0.29 21.11 -15.94
N PRO B 84 -7.20 27.77 -18.91
CA PRO B 84 -5.94 28.20 -19.52
C PRO B 84 -5.90 29.69 -19.81
N VAL B 85 -6.95 30.39 -19.41
CA VAL B 85 -7.11 31.84 -19.56
C VAL B 85 -7.86 32.45 -18.37
N GLU B 86 -7.33 33.58 -17.88
CA GLU B 86 -7.83 34.18 -16.64
C GLU B 86 -9.32 34.51 -16.69
N GLU B 87 -9.77 34.99 -17.86
CA GLU B 87 -11.15 35.45 -17.86
C GLU B 87 -12.11 34.32 -17.46
N GLU B 88 -11.78 33.10 -17.92
CA GLU B 88 -12.69 31.99 -17.75
C GLU B 88 -12.71 31.48 -16.32
N LYS B 89 -12.85 32.43 -15.40
CA LYS B 89 -13.09 32.07 -14.00
C LYS B 89 -14.43 31.35 -13.84
N ARG B 90 -15.21 31.31 -14.93
CA ARG B 90 -16.49 30.59 -14.88
C ARG B 90 -16.29 29.11 -14.51
N ARG B 91 -15.02 28.67 -14.68
CA ARG B 91 -14.70 27.28 -14.36
C ARG B 91 -14.67 27.04 -12.85
N LEU B 92 -13.89 27.86 -12.17
CA LEU B 92 -13.68 27.73 -10.72
C LEU B 92 -14.67 28.34 -9.74
N LEU B 93 -14.74 29.67 -9.69
CA LEU B 93 -15.61 30.38 -8.75
C LEU B 93 -17.00 29.79 -8.46
N PRO B 94 -17.80 29.54 -9.50
CA PRO B 94 -19.14 28.99 -9.23
C PRO B 94 -19.06 27.71 -8.39
N VAL B 95 -18.18 26.81 -8.78
CA VAL B 95 -18.00 25.54 -8.07
C VAL B 95 -17.43 25.80 -6.67
N LEU B 96 -16.37 26.61 -6.60
CA LEU B 96 -15.73 26.93 -5.34
C LEU B 96 -16.75 27.39 -4.30
N GLU B 97 -17.63 28.30 -4.70
CA GLU B 97 -18.63 28.82 -3.78
C GLU B 97 -19.57 27.72 -3.32
N ALA B 98 -20.00 26.87 -4.25
CA ALA B 98 -20.90 25.76 -3.92
C ALA B 98 -20.22 24.76 -2.99
N VAL B 99 -18.98 24.40 -3.31
CA VAL B 99 -18.24 23.45 -2.50
C VAL B 99 -17.99 23.97 -1.08
N LEU B 100 -17.64 25.25 -0.98
CA LEU B 100 -17.37 25.86 0.32
C LEU B 100 -18.57 25.71 1.26
N SER B 101 -19.75 25.45 0.69
CA SER B 101 -20.95 25.31 1.49
C SER B 101 -21.01 23.96 2.23
N LEU B 102 -20.01 23.11 1.93
CA LEU B 102 -19.94 21.82 2.61
C LEU B 102 -19.18 21.91 3.94
N GLY B 103 -18.63 23.12 4.20
CA GLY B 103 -17.96 23.35 5.48
C GLY B 103 -16.54 22.78 5.51
N VAL B 104 -16.19 21.94 4.53
CA VAL B 104 -14.87 21.33 4.49
C VAL B 104 -13.84 22.31 3.94
N PRO B 105 -12.65 22.36 4.55
CA PRO B 105 -11.60 23.27 4.10
C PRO B 105 -11.34 23.07 2.61
N VAL B 106 -11.18 24.17 1.88
CA VAL B 106 -10.94 24.09 0.45
C VAL B 106 -9.60 24.70 0.04
N SER B 107 -8.89 23.98 -0.81
CA SER B 107 -7.61 24.42 -1.33
C SER B 107 -7.89 24.86 -2.76
N VAL B 108 -7.34 26.00 -3.17
CA VAL B 108 -7.54 26.48 -4.53
C VAL B 108 -6.23 26.36 -5.28
N ASP B 109 -6.22 25.52 -6.30
CA ASP B 109 -5.03 25.29 -7.11
C ASP B 109 -5.03 26.21 -8.32
N THR B 110 -4.44 27.39 -8.14
CA THR B 110 -4.32 28.38 -9.20
C THR B 110 -2.97 29.08 -9.12
N ARG B 111 -2.50 29.51 -10.29
CA ARG B 111 -1.24 30.26 -10.32
C ARG B 111 -1.44 31.75 -10.63
N LYS B 112 -2.73 32.12 -10.84
CA LYS B 112 -3.05 33.51 -11.16
C LYS B 112 -3.56 34.26 -9.94
N PRO B 113 -2.93 35.41 -9.66
CA PRO B 113 -3.30 36.28 -8.54
C PRO B 113 -4.77 36.68 -8.59
N GLU B 114 -5.25 36.99 -9.80
CA GLU B 114 -6.64 37.40 -9.99
C GLU B 114 -7.59 36.30 -9.54
N VAL B 115 -7.26 35.06 -9.89
CA VAL B 115 -8.08 33.91 -9.50
C VAL B 115 -7.99 33.72 -8.00
N ALA B 116 -6.76 33.67 -7.48
CA ALA B 116 -6.55 33.49 -6.05
C ALA B 116 -7.31 34.55 -5.26
N GLU B 117 -7.16 35.80 -5.66
CA GLU B 117 -7.83 36.90 -4.97
C GLU B 117 -9.32 36.63 -4.84
N GLU B 118 -9.97 36.34 -5.96
CA GLU B 118 -11.40 36.07 -5.96
C GLU B 118 -11.71 34.81 -5.15
N ALA B 119 -10.85 33.80 -5.26
CA ALA B 119 -11.05 32.55 -4.53
C ALA B 119 -10.90 32.78 -3.03
N LEU B 120 -9.92 33.60 -2.66
CA LEU B 120 -9.65 33.90 -1.26
C LEU B 120 -10.74 34.75 -0.61
N LYS B 121 -11.28 35.71 -1.35
CA LYS B 121 -12.33 36.54 -0.78
C LYS B 121 -13.60 35.72 -0.55
N LEU B 122 -13.75 34.63 -1.29
CA LEU B 122 -14.92 33.77 -1.13
C LEU B 122 -14.82 32.84 0.07
N GLY B 123 -13.61 32.65 0.60
CA GLY B 123 -13.45 31.80 1.76
C GLY B 123 -12.44 30.67 1.67
N ALA B 124 -11.67 30.61 0.59
CA ALA B 124 -10.66 29.58 0.42
C ALA B 124 -9.79 29.47 1.67
N HIS B 125 -9.34 28.26 2.00
CA HIS B 125 -8.52 28.06 3.19
C HIS B 125 -7.06 27.79 2.92
N LEU B 126 -6.73 27.46 1.68
CA LEU B 126 -5.35 27.15 1.34
C LEU B 126 -5.05 27.55 -0.10
N LEU B 127 -3.88 28.13 -0.32
CA LEU B 127 -3.46 28.54 -1.66
C LEU B 127 -2.41 27.57 -2.18
N ASN B 128 -2.80 26.79 -3.19
CA ASN B 128 -1.92 25.79 -3.80
C ASN B 128 -1.38 26.37 -5.11
N ASP B 129 -0.15 26.86 -5.08
CA ASP B 129 0.46 27.46 -6.26
C ASP B 129 1.58 26.62 -6.88
N VAL B 130 1.31 26.04 -8.03
CA VAL B 130 2.31 25.20 -8.71
C VAL B 130 3.53 25.99 -9.19
N THR B 131 3.39 27.30 -9.36
CA THR B 131 4.53 28.10 -9.81
C THR B 131 5.41 28.53 -8.65
N GLY B 132 5.20 27.91 -7.49
CA GLY B 132 6.01 28.16 -6.30
C GLY B 132 6.10 29.54 -5.68
N LEU B 133 5.00 30.30 -5.68
CA LEU B 133 4.99 31.63 -5.09
C LEU B 133 6.08 32.54 -5.66
N ARG B 134 6.39 32.36 -6.95
CA ARG B 134 7.38 33.18 -7.61
C ARG B 134 6.81 34.58 -7.80
N ASP B 135 5.49 34.63 -8.02
CA ASP B 135 4.78 35.89 -8.23
C ASP B 135 4.53 36.58 -6.90
N GLU B 136 5.15 37.74 -6.71
CA GLU B 136 5.01 38.51 -5.47
C GLU B 136 3.57 38.84 -5.14
N ARG B 137 2.70 38.86 -6.14
CA ARG B 137 1.30 39.18 -5.90
C ARG B 137 0.56 38.07 -5.16
N MET B 138 0.94 36.83 -5.41
CA MET B 138 0.28 35.72 -4.73
C MET B 138 0.76 35.64 -3.29
N VAL B 139 2.01 36.00 -3.07
CA VAL B 139 2.57 36.00 -1.73
C VAL B 139 1.82 37.06 -0.93
N ALA B 140 1.72 38.27 -1.50
CA ALA B 140 1.03 39.37 -0.84
C ALA B 140 -0.40 39.00 -0.48
N LEU B 141 -1.12 38.42 -1.43
CA LEU B 141 -2.50 38.02 -1.19
C LEU B 141 -2.61 36.99 -0.08
N ALA B 142 -1.75 35.98 -0.12
CA ALA B 142 -1.77 34.94 0.90
C ALA B 142 -1.59 35.59 2.27
N ALA B 143 -0.63 36.50 2.37
CA ALA B 143 -0.36 37.19 3.62
C ALA B 143 -1.54 38.09 4.03
N ARG B 144 -2.12 38.79 3.06
CA ARG B 144 -3.23 39.69 3.36
C ARG B 144 -4.44 38.95 3.92
N HIS B 145 -4.76 37.80 3.34
CA HIS B 145 -5.90 37.00 3.80
C HIS B 145 -5.55 36.05 4.93
N GLY B 146 -4.29 36.08 5.38
CA GLY B 146 -3.87 35.20 6.46
C GLY B 146 -4.15 33.75 6.12
N VAL B 147 -3.65 33.33 4.96
CA VAL B 147 -3.84 31.96 4.52
C VAL B 147 -2.52 31.29 4.20
N ALA B 148 -2.43 30.00 4.53
CA ALA B 148 -1.24 29.23 4.27
C ALA B 148 -1.11 29.03 2.76
N ALA B 149 0.10 28.82 2.28
CA ALA B 149 0.33 28.62 0.87
C ALA B 149 1.24 27.42 0.64
N VAL B 150 0.94 26.66 -0.41
CA VAL B 150 1.74 25.51 -0.76
C VAL B 150 2.79 25.93 -1.77
N VAL B 151 4.06 25.72 -1.44
CA VAL B 151 5.13 26.05 -2.35
C VAL B 151 5.58 24.75 -3.02
N MET B 152 5.21 24.59 -4.29
CA MET B 152 5.56 23.40 -5.05
C MET B 152 6.72 23.73 -5.98
N HIS B 153 7.59 22.76 -6.22
CA HIS B 153 8.71 23.00 -7.12
C HIS B 153 8.39 22.59 -8.55
N MET B 154 8.76 23.47 -9.48
CA MET B 154 8.55 23.26 -10.90
C MET B 154 9.59 24.13 -11.59
N PRO B 155 10.38 23.55 -12.51
CA PRO B 155 11.40 24.34 -13.21
C PRO B 155 10.82 25.41 -14.13
N ALA B 164 8.47 20.00 -18.53
CA ALA B 164 9.46 21.07 -18.51
C ALA B 164 10.87 20.48 -18.62
N HIS B 165 11.87 21.35 -18.69
CA HIS B 165 13.25 20.91 -18.81
C HIS B 165 13.65 20.03 -17.62
N ALA B 166 13.78 18.73 -17.89
CA ALA B 166 14.14 17.78 -16.85
C ALA B 166 15.65 17.55 -16.83
N ARG B 167 16.39 18.52 -16.31
CA ARG B 167 17.84 18.43 -16.23
C ARG B 167 18.31 19.15 -14.97
N TYR B 168 19.06 18.44 -14.12
CA TYR B 168 19.55 19.00 -12.86
C TYR B 168 20.98 18.53 -12.57
N ARG B 169 21.78 19.40 -11.93
CA ARG B 169 23.09 18.94 -11.45
C ARG B 169 22.90 17.94 -10.30
N ASP B 170 22.02 18.36 -9.39
CA ASP B 170 21.60 17.55 -8.27
C ASP B 170 20.16 17.93 -7.92
N VAL B 171 19.20 17.18 -8.46
CA VAL B 171 17.80 17.51 -8.24
C VAL B 171 17.37 17.67 -6.79
N VAL B 172 17.80 16.78 -5.90
CA VAL B 172 17.42 16.90 -4.50
C VAL B 172 17.92 18.20 -3.87
N ALA B 173 19.23 18.45 -4.00
CA ALA B 173 19.84 19.66 -3.45
C ALA B 173 19.17 20.90 -4.05
N GLU B 174 18.96 20.88 -5.36
CA GLU B 174 18.34 22.01 -6.02
C GLU B 174 16.89 22.21 -5.61
N VAL B 175 16.11 21.13 -5.50
CA VAL B 175 14.72 21.28 -5.11
C VAL B 175 14.62 21.75 -3.65
N LYS B 176 15.49 21.24 -2.80
CA LYS B 176 15.48 21.65 -1.40
C LYS B 176 15.79 23.14 -1.27
N ALA B 177 16.82 23.58 -1.98
CA ALA B 177 17.22 25.00 -1.93
C ALA B 177 16.10 25.91 -2.43
N PHE B 178 15.41 25.49 -3.49
CA PHE B 178 14.31 26.28 -4.02
C PHE B 178 13.17 26.37 -3.02
N LEU B 179 12.77 25.22 -2.48
CA LEU B 179 11.67 25.15 -1.52
C LEU B 179 11.95 25.99 -0.28
N GLU B 180 13.17 25.88 0.23
CA GLU B 180 13.55 26.63 1.42
C GLU B 180 13.52 28.13 1.17
N ALA B 181 14.17 28.56 0.10
CA ALA B 181 14.23 29.97 -0.26
C ALA B 181 12.84 30.59 -0.44
N GLN B 182 11.95 29.90 -1.15
CA GLN B 182 10.60 30.41 -1.37
C GLN B 182 9.81 30.48 -0.07
N ALA B 183 9.97 29.46 0.78
CA ALA B 183 9.27 29.44 2.06
C ALA B 183 9.66 30.65 2.91
N ARG B 184 10.96 30.97 2.92
CA ARG B 184 11.43 32.11 3.70
C ARG B 184 10.91 33.41 3.12
N ARG B 185 10.95 33.51 1.79
CA ARG B 185 10.46 34.71 1.12
C ARG B 185 9.02 34.92 1.56
N ALA B 186 8.24 33.85 1.53
CA ALA B 186 6.82 33.88 1.91
C ALA B 186 6.56 34.23 3.37
N LEU B 187 7.27 33.57 4.29
CA LEU B 187 7.08 33.84 5.71
C LEU B 187 7.47 35.28 6.03
N SER B 188 8.63 35.71 5.55
CA SER B 188 9.09 37.07 5.79
C SER B 188 8.07 38.10 5.32
N ALA B 189 7.23 37.72 4.37
CA ALA B 189 6.21 38.62 3.84
C ALA B 189 4.90 38.55 4.61
N GLY B 190 4.82 37.67 5.61
CA GLY B 190 3.59 37.59 6.38
C GLY B 190 2.70 36.38 6.16
N VAL B 191 3.06 35.52 5.22
CA VAL B 191 2.26 34.32 5.00
C VAL B 191 2.35 33.56 6.32
N PRO B 192 1.20 33.26 6.94
CA PRO B 192 1.20 32.55 8.23
C PRO B 192 1.96 31.23 8.28
N GLN B 193 1.87 30.44 7.21
CA GLN B 193 2.56 29.15 7.17
C GLN B 193 2.75 28.69 5.72
N VAL B 194 3.76 27.86 5.51
CA VAL B 194 4.03 27.36 4.18
C VAL B 194 4.16 25.84 4.17
N VAL B 195 3.58 25.23 3.15
CA VAL B 195 3.63 23.77 2.97
C VAL B 195 4.55 23.53 1.77
N LEU B 196 5.54 22.66 1.93
CA LEU B 196 6.47 22.39 0.83
C LEU B 196 6.06 21.14 0.06
N ASP B 197 6.23 21.20 -1.26
CA ASP B 197 5.87 20.08 -2.13
C ASP B 197 6.93 20.03 -3.24
N PRO B 198 7.66 18.90 -3.36
CA PRO B 198 8.70 18.71 -4.37
C PRO B 198 8.20 18.71 -5.81
N GLY B 199 6.89 18.67 -5.99
CA GLY B 199 6.31 18.68 -7.31
C GLY B 199 6.66 17.50 -8.18
N PHE B 200 6.30 16.30 -7.75
CA PHE B 200 6.63 15.12 -8.53
C PHE B 200 6.05 15.22 -9.94
N GLY B 201 6.85 14.81 -10.92
CA GLY B 201 6.41 14.84 -12.31
C GLY B 201 6.58 16.17 -13.02
N PHE B 202 6.76 17.26 -12.27
CA PHE B 202 6.92 18.58 -12.88
C PHE B 202 8.36 18.86 -13.30
N GLY B 203 8.63 18.70 -14.59
CA GLY B 203 9.97 18.92 -15.09
C GLY B 203 10.92 17.94 -14.43
N LYS B 204 10.48 16.70 -14.25
CA LYS B 204 11.30 15.68 -13.61
C LYS B 204 11.12 14.32 -14.26
N LEU B 205 12.24 13.67 -14.58
CA LEU B 205 12.20 12.35 -15.17
C LEU B 205 12.14 11.35 -14.02
N LEU B 206 11.92 10.09 -14.35
CA LEU B 206 11.84 9.04 -13.36
C LEU B 206 12.99 9.10 -12.35
N GLU B 207 14.22 9.16 -12.85
CA GLU B 207 15.39 9.22 -11.98
C GLU B 207 15.29 10.35 -10.95
N HIS B 208 14.76 11.49 -11.38
CA HIS B 208 14.60 12.64 -10.51
C HIS B 208 13.52 12.39 -9.46
N ASN B 209 12.38 11.83 -9.89
CA ASN B 209 11.30 11.55 -8.95
C ASN B 209 11.72 10.48 -7.95
N LEU B 210 12.50 9.50 -8.40
CA LEU B 210 12.96 8.43 -7.52
C LEU B 210 13.91 8.99 -6.45
N ALA B 211 14.82 9.85 -6.87
CA ALA B 211 15.78 10.46 -5.94
C ALA B 211 15.07 11.25 -4.85
N LEU B 212 14.11 12.07 -5.26
CA LEU B 212 13.35 12.88 -4.33
C LEU B 212 12.57 12.00 -3.36
N LEU B 213 11.91 10.97 -3.88
CA LEU B 213 11.16 10.07 -3.01
C LEU B 213 12.08 9.41 -1.99
N ARG B 214 13.20 8.88 -2.45
CA ARG B 214 14.15 8.19 -1.57
C ARG B 214 14.77 9.09 -0.51
N ARG B 215 14.82 10.39 -0.77
CA ARG B 215 15.41 11.34 0.18
C ARG B 215 14.37 12.33 0.67
N LEU B 216 13.11 11.92 0.62
CA LEU B 216 12.01 12.76 1.05
C LEU B 216 12.16 13.22 2.50
N ASP B 217 12.82 12.40 3.31
CA ASP B 217 13.06 12.73 4.72
C ASP B 217 13.82 14.05 4.85
N GLU B 218 14.70 14.34 3.88
CA GLU B 218 15.49 15.58 3.91
C GLU B 218 14.64 16.83 3.65
N ILE B 219 13.51 16.65 2.97
CA ILE B 219 12.62 17.77 2.71
C ILE B 219 11.75 17.98 3.95
N VAL B 220 11.35 16.88 4.56
CA VAL B 220 10.57 16.91 5.78
C VAL B 220 11.40 17.58 6.89
N ALA B 221 12.70 17.35 6.85
CA ALA B 221 13.62 17.90 7.86
C ALA B 221 13.81 19.43 7.77
N LEU B 222 13.13 20.07 6.80
CA LEU B 222 13.26 21.53 6.69
C LEU B 222 12.40 22.28 7.71
N GLY B 223 11.51 21.52 8.38
CA GLY B 223 10.73 22.11 9.47
C GLY B 223 9.32 22.56 9.05
N HIS B 224 8.97 22.42 7.78
CA HIS B 224 7.64 22.81 7.31
C HIS B 224 6.82 21.57 7.01
N PRO B 225 5.49 21.68 7.05
CA PRO B 225 4.64 20.53 6.76
C PRO B 225 4.94 20.21 5.29
N VAL B 226 4.92 18.93 4.93
CA VAL B 226 5.21 18.56 3.55
C VAL B 226 3.99 17.90 2.88
N LEU B 227 3.80 18.23 1.61
CA LEU B 227 2.71 17.67 0.83
C LEU B 227 3.30 17.04 -0.41
N VAL B 228 2.73 15.91 -0.85
CA VAL B 228 3.19 15.27 -2.07
C VAL B 228 1.94 14.79 -2.80
N GLY B 229 2.09 14.54 -4.09
CA GLY B 229 1.01 14.03 -4.89
C GLY B 229 1.56 13.23 -6.06
N LEU B 230 1.40 11.91 -5.95
CA LEU B 230 1.86 11.04 -7.04
C LEU B 230 0.68 10.34 -7.72
N SER B 231 -0.53 10.56 -7.18
CA SER B 231 -1.71 9.91 -7.73
C SER B 231 -1.77 10.00 -9.24
N ARG B 232 -1.83 8.84 -9.88
CA ARG B 232 -1.96 8.70 -11.33
C ARG B 232 -0.85 9.28 -12.19
N LYS B 233 0.21 9.75 -11.58
CA LYS B 233 1.29 10.34 -12.37
C LYS B 233 2.15 9.34 -13.13
N ARG B 234 2.88 9.84 -14.11
CA ARG B 234 3.71 8.99 -14.95
C ARG B 234 4.66 8.10 -14.16
N THR B 235 5.28 8.65 -13.10
CA THR B 235 6.20 7.86 -12.30
C THR B 235 5.55 6.54 -11.84
N ILE B 236 4.31 6.61 -11.40
CA ILE B 236 3.59 5.43 -10.95
C ILE B 236 3.39 4.46 -12.13
N GLY B 237 2.98 5.01 -13.27
CA GLY B 237 2.80 4.15 -14.44
C GLY B 237 4.10 3.43 -14.79
N GLU B 238 5.21 4.15 -14.75
CA GLU B 238 6.50 3.58 -15.10
C GLU B 238 6.91 2.45 -14.15
N LEU B 239 6.78 2.69 -12.86
CA LEU B 239 7.17 1.68 -11.86
C LEU B 239 6.20 0.52 -11.72
N SER B 240 4.91 0.78 -11.89
CA SER B 240 3.92 -0.31 -11.75
C SER B 240 3.54 -0.97 -13.07
N GLY B 241 3.96 -0.36 -14.18
CA GLY B 241 3.64 -0.92 -15.49
C GLY B 241 2.17 -0.81 -15.87
N VAL B 242 1.54 0.29 -15.47
CA VAL B 242 0.12 0.50 -15.76
C VAL B 242 -0.04 1.62 -16.80
N GLU B 243 -0.45 1.22 -17.99
CA GLU B 243 -0.63 2.15 -19.11
C GLU B 243 -1.62 3.30 -18.89
N ASP B 244 -2.81 2.95 -18.39
CA ASP B 244 -3.88 3.91 -18.15
C ASP B 244 -3.75 4.65 -16.82
N PRO B 245 -3.57 5.98 -16.85
CA PRO B 245 -3.42 6.75 -15.60
C PRO B 245 -4.58 6.50 -14.62
N ALA B 246 -5.78 6.26 -15.16
CA ALA B 246 -6.96 6.03 -14.33
C ALA B 246 -6.94 4.74 -13.54
N GLN B 247 -5.98 3.86 -13.83
CA GLN B 247 -5.90 2.58 -13.15
C GLN B 247 -4.63 2.41 -12.31
N ARG B 248 -4.08 3.53 -11.86
CA ARG B 248 -2.83 3.51 -11.09
C ARG B 248 -2.99 3.64 -9.57
N VAL B 249 -4.17 3.33 -9.04
CA VAL B 249 -4.37 3.48 -7.61
C VAL B 249 -3.44 2.63 -6.73
N HIS B 250 -3.23 1.37 -7.07
CA HIS B 250 -2.37 0.54 -6.24
C HIS B 250 -0.93 1.04 -6.17
N GLY B 251 -0.36 1.42 -7.31
CA GLY B 251 0.98 1.95 -7.31
C GLY B 251 1.04 3.29 -6.58
N SER B 252 -0.03 4.09 -6.73
CA SER B 252 -0.08 5.40 -6.08
C SER B 252 -0.13 5.27 -4.55
N VAL B 253 -0.97 4.37 -4.06
CA VAL B 253 -1.07 4.12 -2.63
C VAL B 253 0.28 3.67 -2.06
N ALA B 254 0.97 2.79 -2.78
CA ALA B 254 2.28 2.30 -2.34
C ALA B 254 3.28 3.46 -2.23
N ALA B 255 3.28 4.34 -3.24
CA ALA B 255 4.19 5.49 -3.25
C ALA B 255 3.90 6.40 -2.07
N HIS B 256 2.61 6.69 -1.86
CA HIS B 256 2.21 7.55 -0.77
C HIS B 256 2.51 6.96 0.60
N LEU B 257 2.38 5.64 0.76
CA LEU B 257 2.69 5.03 2.05
C LEU B 257 4.20 5.18 2.32
N PHE B 258 5.00 5.08 1.26
CA PHE B 258 6.43 5.24 1.40
C PHE B 258 6.71 6.68 1.87
N ALA B 259 6.00 7.63 1.27
CA ALA B 259 6.16 9.04 1.64
C ALA B 259 5.75 9.23 3.09
N VAL B 260 4.68 8.56 3.50
CA VAL B 260 4.21 8.67 4.88
C VAL B 260 5.29 8.17 5.82
N MET B 261 5.93 7.06 5.45
CA MET B 261 7.00 6.49 6.24
C MET B 261 8.18 7.47 6.35
N LYS B 262 8.35 8.30 5.33
CA LYS B 262 9.43 9.29 5.31
C LYS B 262 9.08 10.56 6.10
N GLY B 263 7.86 10.61 6.62
CA GLY B 263 7.46 11.76 7.42
C GLY B 263 6.44 12.70 6.82
N VAL B 264 5.96 12.41 5.61
CA VAL B 264 4.97 13.27 4.97
C VAL B 264 3.61 13.02 5.62
N ARG B 265 2.87 14.08 5.90
CA ARG B 265 1.58 13.95 6.54
C ARG B 265 0.43 14.56 5.73
N LEU B 266 0.73 14.95 4.49
CA LEU B 266 -0.28 15.53 3.61
C LEU B 266 -0.15 14.91 2.23
N LEU B 267 -1.24 14.33 1.72
CA LEU B 267 -1.23 13.69 0.40
C LEU B 267 -2.31 14.25 -0.52
N ARG B 268 -1.94 14.51 -1.78
CA ARG B 268 -2.90 15.01 -2.76
C ARG B 268 -3.29 13.78 -3.57
N VAL B 269 -4.53 13.32 -3.40
CA VAL B 269 -4.97 12.10 -4.06
C VAL B 269 -6.27 12.21 -4.85
N HIS B 270 -6.50 11.20 -5.69
CA HIS B 270 -7.74 11.15 -6.47
C HIS B 270 -8.68 10.12 -5.85
N ASP B 271 -8.16 8.95 -5.51
CA ASP B 271 -8.97 7.90 -4.89
C ASP B 271 -8.86 8.05 -3.38
N VAL B 272 -9.73 8.87 -2.81
CA VAL B 272 -9.72 9.12 -1.37
C VAL B 272 -9.96 7.87 -0.53
N ARG B 273 -11.01 7.13 -0.87
CA ARG B 273 -11.37 5.91 -0.16
C ARG B 273 -10.20 4.92 -0.07
N ALA B 274 -9.55 4.67 -1.20
CA ALA B 274 -8.43 3.73 -1.23
C ALA B 274 -7.37 4.15 -0.22
N HIS B 275 -7.06 5.45 -0.16
CA HIS B 275 -6.05 5.92 0.78
C HIS B 275 -6.52 5.85 2.22
N ARG B 276 -7.81 6.14 2.43
CA ARG B 276 -8.40 6.09 3.76
C ARG B 276 -8.25 4.66 4.32
N GLU B 277 -8.57 3.67 3.49
CA GLU B 277 -8.49 2.27 3.90
C GLU B 277 -7.05 1.83 4.14
N ALA B 278 -6.15 2.19 3.22
CA ALA B 278 -4.74 1.81 3.37
C ALA B 278 -4.12 2.45 4.62
N LEU B 279 -4.42 3.73 4.86
CA LEU B 279 -3.87 4.43 6.02
C LEU B 279 -4.44 3.88 7.33
N GLY B 280 -5.66 3.37 7.28
CA GLY B 280 -6.26 2.81 8.48
C GLY B 280 -5.38 1.68 8.98
N VAL B 281 -4.93 0.84 8.05
CA VAL B 281 -4.04 -0.28 8.37
C VAL B 281 -2.65 0.24 8.70
N TRP B 282 -2.05 0.98 7.77
CA TRP B 282 -0.69 1.50 7.96
C TRP B 282 -0.45 2.26 9.26
N GLU B 283 -1.33 3.21 9.57
CA GLU B 283 -1.15 3.99 10.79
C GLU B 283 -1.35 3.20 12.07
N ALA B 284 -2.10 2.11 12.00
CA ALA B 284 -2.30 1.26 13.17
C ALA B 284 -1.08 0.37 13.38
N LEU B 285 -0.32 0.12 12.31
CA LEU B 285 0.85 -0.74 12.40
C LEU B 285 2.16 0.01 12.62
N TYR B 286 2.33 1.12 11.91
CA TYR B 286 3.56 1.89 12.03
C TYR B 286 3.53 2.76 13.27
N1 HH2 C . -4.83 -18.34 5.52
C2 HH2 C . -5.90 -18.97 5.13
C3 HH2 C . -5.93 -20.39 4.42
N4 HH2 C . -4.51 -20.93 4.26
N5 HH2 C . -2.05 -20.76 4.54
C6 HH2 C . -0.96 -20.05 4.99
N6 HH2 C . 0.30 -20.55 4.86
N7 HH2 C . -1.12 -18.75 5.61
C8 HH2 C . -2.43 -18.14 5.80
O8 HH2 C . -2.61 -17.08 6.30
C9 HH2 C . -3.56 -18.90 5.33
C10 HH2 C . -3.36 -20.22 4.70
C11 HH2 C . -7.15 -18.26 5.42
O4 HH2 C . -7.68 -17.77 4.13
P1 HH2 C . -9.15 -17.73 3.93
O1P HH2 C . -10.02 -16.74 4.70
O2P HH2 C . -9.78 -19.11 4.19
O3P HH2 C . -9.37 -17.50 2.38
P2 HH2 C . -8.63 -18.30 1.20
O4P HH2 C . -7.37 -17.55 0.91
O5P HH2 C . -8.25 -19.69 1.63
O6P HH2 C . -9.57 -18.42 -0.01
N1 HH2 D . 0.16 17.85 -9.21
C2 HH2 D . -0.68 18.20 -10.18
C3 HH2 D . -1.63 19.47 -10.16
N4 HH2 D . -1.46 20.25 -8.87
N5 HH2 D . -0.43 20.65 -6.66
C6 HH2 D . 0.46 20.27 -5.67
N6 HH2 D . 0.59 21.00 -4.53
N7 HH2 D . 1.26 19.08 -5.82
C8 HH2 D . 1.18 18.23 -7.01
O8 HH2 D . 1.83 17.25 -7.17
C9 HH2 D . 0.25 18.65 -8.04
C10 HH2 D . -0.56 19.87 -7.84
C11 HH2 D . -0.67 17.31 -11.35
O4 HH2 D . -1.80 16.35 -11.14
P1 HH2 D . -2.51 15.75 -12.29
O1P HH2 D . -2.06 14.42 -12.87
O2P HH2 D . -2.58 16.72 -13.49
O3P HH2 D . -4.04 15.61 -11.84
P2 HH2 D . -4.96 16.74 -11.18
O4P HH2 D . -6.34 16.64 -11.79
O5P HH2 D . -5.07 16.52 -9.71
O6P HH2 D . -4.35 18.13 -11.40
#